data_1R9O
#
_entry.id   1R9O
#
_cell.length_a   91.047
_cell.length_b   91.047
_cell.length_c   169.480
_cell.angle_alpha   90.00
_cell.angle_beta   90.00
_cell.angle_gamma   120.00
#
_symmetry.space_group_name_H-M   'H 3'
#
loop_
_entity.id
_entity.type
_entity.pdbx_description
1 polymer 'Cytochrome P450 2C9'
2 non-polymer 'PROTOPORPHYRIN IX CONTAINING FE'
3 non-polymer FLURBIPROFEN
4 non-polymer GLYCEROL
5 water water
#
_entity_poly.entity_id   1
_entity_poly.type   'polypeptide(L)'
_entity_poly.pdbx_seq_one_letter_code
;MAKKTSSGRGKLPPGPTPLPVIGNILQIGIKDISKSLTNLSKVYGPVFTLYFGLKPIVVLHGYEAVKEALIDLGEEFSGR
GIFPLAERANRGFGIVFSNGKKWKEIRRFSLMTLRNFGMGKRSIEDRVQEEARCLVEELRKTKASPCDPTFILGCAPCNV
ICSIIFHKRFDYKDQQFLNLMEKLNENIKILSSPWIQICNNFSPIIDYFPGTHNKLLKNVAFMKSYILEKVKEHQESMDM
NNPQDFIDCFLMKMEKEKHNQPSEFTIESLENTAVDLFGAGTETTSTTLRYALLLLLKHPEVTAKVQEEIERVIGRNRSP
CMQDRSHMPYTDAVVHEVQRYIDLLPTSLPHAVTCDIKFRNYLIPKGTTILISLTSVLHDNKEFPNPEMFDPHHFLDEGG
NFKKSKYFMPFSAGKRICVGEALAGMELFLFLTSILQNFNLKSLVDPKNLDTTPVVNGFASVPPFYQLCFIPIHHHH
;
_entity_poly.pdbx_strand_id   A
#
loop_
_chem_comp.id
_chem_comp.type
_chem_comp.name
_chem_comp.formula
FLP non-polymer FLURBIPROFEN 'C15 H13 F O2'
GOL non-polymer GLYCEROL 'C3 H8 O3'
HEM non-polymer 'PROTOPORPHYRIN IX CONTAINING FE' 'C34 H32 Fe N4 O4'
#
# COMPACT_ATOMS: atom_id res chain seq x y z
N ARG A 9 34.30 3.91 14.79
CA ARG A 9 33.02 3.70 15.53
C ARG A 9 31.96 3.16 14.54
N GLY A 10 31.63 3.94 13.51
CA GLY A 10 30.92 3.37 12.38
C GLY A 10 31.73 3.41 11.10
N LYS A 11 31.39 2.55 10.15
CA LYS A 11 32.08 2.54 8.90
C LYS A 11 31.01 2.23 7.87
N LEU A 12 30.50 3.30 7.29
CA LEU A 12 29.45 3.20 6.30
C LEU A 12 30.02 2.73 4.97
N PRO A 13 29.14 2.20 4.11
CA PRO A 13 29.54 1.71 2.79
C PRO A 13 30.00 2.89 1.95
N PRO A 14 30.80 2.64 0.92
CA PRO A 14 31.28 3.72 0.05
C PRO A 14 30.14 4.26 -0.83
N GLY A 15 30.34 5.45 -1.41
CA GLY A 15 29.31 6.02 -2.26
C GLY A 15 29.83 7.24 -2.99
N PRO A 16 28.98 7.96 -3.73
CA PRO A 16 29.38 9.18 -4.47
C PRO A 16 29.69 10.30 -3.47
N THR A 17 30.42 11.35 -3.88
CA THR A 17 30.71 12.42 -2.92
C THR A 17 29.38 13.15 -2.66
N PRO A 18 29.18 13.65 -1.43
CA PRO A 18 28.01 14.37 -0.90
C PRO A 18 27.06 15.11 -1.84
N LEU A 19 25.81 15.26 -1.36
CA LEU A 19 24.70 15.93 -2.06
C LEU A 19 24.00 15.18 -3.19
N PRO A 20 24.52 14.00 -3.62
CA PRO A 20 23.85 13.30 -4.74
C PRO A 20 22.33 13.17 -4.59
N LEU A 26 14.25 19.61 -13.92
CA LEU A 26 12.95 20.11 -13.51
C LEU A 26 12.40 19.22 -12.37
N GLN A 27 11.20 18.67 -12.55
CA GLN A 27 10.56 17.84 -11.52
C GLN A 27 10.90 16.34 -11.64
N ILE A 28 11.65 15.83 -10.64
CA ILE A 28 12.09 14.41 -10.57
C ILE A 28 11.22 13.50 -9.65
N GLY A 29 10.75 12.39 -10.23
CA GLY A 29 9.92 11.45 -9.49
C GLY A 29 10.66 10.26 -8.90
N ILE A 30 9.92 9.43 -8.17
CA ILE A 30 10.50 8.26 -7.54
C ILE A 30 11.13 7.29 -8.56
N LYS A 31 10.51 7.16 -9.72
CA LYS A 31 11.03 6.28 -10.74
C LYS A 31 12.37 6.74 -11.28
N ASP A 32 12.57 8.05 -11.25
CA ASP A 32 13.84 8.65 -11.69
C ASP A 32 14.87 8.36 -10.62
N ILE A 33 14.44 8.52 -9.38
CA ILE A 33 15.33 8.25 -8.25
C ILE A 33 15.75 6.79 -8.29
N SER A 34 14.76 5.91 -8.48
CA SER A 34 15.09 4.48 -8.49
C SER A 34 16.12 4.17 -9.59
N LYS A 35 15.88 4.77 -10.75
CA LYS A 35 16.78 4.59 -11.89
C LYS A 35 18.16 5.07 -11.44
N SER A 36 18.22 6.20 -10.75
CA SER A 36 19.54 6.66 -10.27
C SER A 36 20.16 5.66 -9.33
N LEU A 37 19.35 5.09 -8.41
CA LEU A 37 19.92 4.14 -7.47
C LEU A 37 20.49 2.90 -8.16
N THR A 38 19.81 2.44 -9.20
CA THR A 38 20.26 1.26 -9.95
C THR A 38 21.58 1.53 -10.66
N ASN A 39 21.67 2.72 -11.28
CA ASN A 39 22.92 3.12 -11.94
C ASN A 39 24.06 3.17 -10.92
N LEU A 40 23.81 3.75 -9.75
CA LEU A 40 24.82 3.78 -8.70
C LEU A 40 25.23 2.38 -8.23
N SER A 41 24.31 1.39 -8.23
CA SER A 41 24.69 0.05 -7.76
C SER A 41 25.68 -0.57 -8.73
N LYS A 42 25.62 -0.19 -10.00
CA LYS A 42 26.55 -0.74 -10.98
C LYS A 42 28.00 -0.22 -10.72
N VAL A 43 28.08 0.99 -10.22
CA VAL A 43 29.38 1.60 -9.89
C VAL A 43 29.93 1.08 -8.56
N TYR A 44 29.17 1.30 -7.47
CA TYR A 44 29.53 0.90 -6.09
C TYR A 44 29.11 -0.47 -5.58
N GLY A 45 28.31 -1.23 -6.31
CA GLY A 45 27.88 -2.52 -5.78
C GLY A 45 26.47 -2.49 -5.11
N PRO A 46 26.01 -3.61 -4.53
CA PRO A 46 24.70 -3.72 -3.86
C PRO A 46 24.42 -2.88 -2.62
N VAL A 47 25.47 -2.43 -1.92
CA VAL A 47 25.28 -1.62 -0.70
C VAL A 47 26.14 -0.37 -0.76
N PHE A 48 25.53 0.81 -0.67
CA PHE A 48 26.26 2.05 -0.76
C PHE A 48 25.61 3.20 -0.01
N THR A 49 26.43 4.24 0.25
CA THR A 49 25.96 5.40 0.98
C THR A 49 25.83 6.62 0.12
N LEU A 50 24.77 7.40 0.38
CA LEU A 50 24.49 8.67 -0.28
C LEU A 50 24.42 9.67 0.86
N TYR A 51 24.77 10.94 0.61
CA TYR A 51 24.68 11.97 1.64
C TYR A 51 23.88 13.14 1.11
N PHE A 52 22.97 13.68 1.90
CA PHE A 52 22.21 14.85 1.51
C PHE A 52 22.45 15.81 2.66
N GLY A 53 23.60 16.47 2.57
CA GLY A 53 24.05 17.39 3.58
C GLY A 53 25.04 16.54 4.33
N LEU A 54 24.87 16.46 5.65
CA LEU A 54 25.75 15.62 6.44
C LEU A 54 24.90 14.37 6.76
N LYS A 55 23.77 14.25 6.07
CA LYS A 55 22.88 13.11 6.31
C LYS A 55 23.16 11.90 5.41
N PRO A 56 23.66 10.80 6.00
CA PRO A 56 23.95 9.63 5.18
C PRO A 56 22.72 8.69 5.03
N ILE A 57 22.52 8.12 3.83
CA ILE A 57 21.43 7.18 3.64
C ILE A 57 22.10 5.94 3.04
N VAL A 58 21.97 4.80 3.72
CA VAL A 58 22.57 3.57 3.20
C VAL A 58 21.53 2.90 2.30
N VAL A 59 21.88 2.67 1.04
CA VAL A 59 20.96 2.06 0.09
C VAL A 59 21.24 0.55 -0.06
N LEU A 60 20.18 -0.27 -0.06
CA LEU A 60 20.31 -1.72 -0.26
C LEU A 60 19.72 -2.05 -1.64
N HIS A 61 20.51 -2.66 -2.50
CA HIS A 61 20.01 -2.93 -3.87
C HIS A 61 20.25 -4.39 -4.26
N GLY A 62 19.19 -5.04 -4.78
CA GLY A 62 19.32 -6.41 -5.15
C GLY A 62 18.75 -7.30 -4.03
N TYR A 63 18.12 -8.37 -4.45
CA TYR A 63 17.50 -9.30 -3.51
C TYR A 63 18.41 -9.79 -2.39
N GLU A 64 19.67 -10.13 -2.70
CA GLU A 64 20.53 -10.68 -1.65
C GLU A 64 20.79 -9.74 -0.50
N ALA A 65 21.01 -8.48 -0.79
CA ALA A 65 21.26 -7.49 0.25
C ALA A 65 19.94 -7.15 0.96
N VAL A 66 18.84 -7.03 0.23
CA VAL A 66 17.53 -6.73 0.85
C VAL A 66 17.15 -7.89 1.82
N LYS A 67 17.34 -9.12 1.38
CA LYS A 67 17.02 -10.32 2.22
C LYS A 67 17.87 -10.39 3.48
N GLU A 68 19.17 -10.26 3.29
CA GLU A 68 20.10 -10.35 4.41
C GLU A 68 19.80 -9.29 5.47
N ALA A 69 19.42 -8.09 5.05
CA ALA A 69 19.13 -7.02 5.98
C ALA A 69 17.73 -7.17 6.60
N LEU A 70 16.71 -6.94 5.78
CA LEU A 70 15.28 -6.98 6.20
C LEU A 70 14.82 -8.32 6.76
N ILE A 71 15.32 -9.42 6.18
CA ILE A 71 14.91 -10.74 6.68
C ILE A 71 15.87 -11.38 7.67
N ASP A 72 17.13 -11.59 7.30
CA ASP A 72 18.07 -12.20 8.23
C ASP A 72 18.46 -11.35 9.45
N LEU A 73 18.41 -10.03 9.36
CA LEU A 73 18.72 -9.16 10.52
C LEU A 73 17.46 -8.34 10.74
N GLY A 74 16.32 -9.02 10.67
CA GLY A 74 15.02 -8.35 10.75
C GLY A 74 14.79 -7.29 11.79
N GLU A 75 15.16 -7.63 13.01
CA GLU A 75 15.03 -6.75 14.14
C GLU A 75 15.88 -5.48 13.96
N GLU A 76 17.14 -5.68 13.63
CA GLU A 76 18.06 -4.55 13.47
C GLU A 76 17.63 -3.59 12.42
N PHE A 77 16.95 -4.09 11.38
CA PHE A 77 16.49 -3.24 10.28
C PHE A 77 14.97 -2.88 10.32
N SER A 78 14.32 -3.13 11.46
CA SER A 78 12.88 -2.85 11.60
C SER A 78 12.53 -1.40 11.97
N GLY A 79 13.55 -0.53 12.07
CA GLY A 79 13.23 0.84 12.43
C GLY A 79 12.69 1.62 11.26
N ARG A 80 12.02 2.75 11.55
CA ARG A 80 11.45 3.63 10.56
C ARG A 80 12.36 4.87 10.44
N GLY A 81 12.68 5.22 9.20
CA GLY A 81 13.53 6.38 8.91
C GLY A 81 12.78 7.68 9.12
N ILE A 82 13.35 8.53 9.97
CA ILE A 82 12.76 9.84 10.34
C ILE A 82 11.89 10.55 9.30
N PHE A 83 12.35 10.58 8.04
CA PHE A 83 11.66 11.25 6.91
C PHE A 83 12.01 12.75 6.74
N PRO A 84 11.61 13.36 5.58
CA PRO A 84 11.86 14.79 5.29
C PRO A 84 11.31 15.81 6.35
N LEU A 85 10.90 15.32 7.53
CA LEU A 85 10.39 16.15 8.64
C LEU A 85 9.94 15.26 9.83
N ALA A 86 9.41 15.87 10.88
CA ALA A 86 9.00 15.13 12.08
C ALA A 86 7.50 15.21 12.42
N GLU A 87 6.78 16.11 11.75
CA GLU A 87 5.34 16.25 12.00
C GLU A 87 5.02 16.52 13.47
N ARG A 88 5.06 17.79 13.88
CA ARG A 88 4.74 18.05 15.29
C ARG A 88 3.28 17.63 15.55
N ALA A 89 2.58 17.28 14.47
CA ALA A 89 1.21 16.77 14.58
C ALA A 89 1.44 15.54 15.44
N ASN A 90 2.72 15.14 15.48
CA ASN A 90 3.17 13.98 16.23
C ASN A 90 2.55 12.71 15.67
N ARG A 91 2.90 12.42 14.42
CA ARG A 91 2.43 11.24 13.70
C ARG A 91 3.05 9.97 14.29
N GLY A 92 4.10 10.17 15.11
CA GLY A 92 4.84 9.09 15.69
C GLY A 92 4.15 8.30 16.75
N PHE A 93 2.82 8.33 16.77
CA PHE A 93 2.09 7.56 17.78
C PHE A 93 1.22 6.54 17.18
N GLY A 94 1.38 6.33 15.86
CA GLY A 94 0.59 5.32 15.17
C GLY A 94 1.49 4.13 14.83
N ILE A 95 1.35 3.61 13.62
CA ILE A 95 2.18 2.47 13.20
C ILE A 95 3.27 2.96 12.21
N VAL A 96 2.83 3.62 11.15
CA VAL A 96 3.74 4.07 10.07
C VAL A 96 4.98 4.85 10.51
N PHE A 97 4.79 5.83 11.37
CA PHE A 97 5.95 6.59 11.75
C PHE A 97 6.44 6.38 13.15
N SER A 98 6.05 5.30 13.80
CA SER A 98 6.52 5.07 15.14
C SER A 98 7.70 4.10 15.16
N ASN A 99 8.37 4.05 16.31
CA ASN A 99 9.55 3.23 16.47
C ASN A 99 9.57 2.65 17.84
N GLY A 100 10.55 1.80 18.08
CA GLY A 100 10.67 1.18 19.38
C GLY A 100 9.56 0.27 19.91
N LYS A 101 9.41 0.30 21.24
CA LYS A 101 8.43 -0.48 21.97
C LYS A 101 6.99 -0.14 21.57
N LYS A 102 6.73 1.13 21.33
CA LYS A 102 5.43 1.66 20.93
C LYS A 102 4.99 1.02 19.58
N TRP A 103 5.91 1.08 18.61
CA TRP A 103 5.69 0.49 17.29
C TRP A 103 5.47 -1.01 17.48
N LYS A 104 6.30 -1.63 18.28
CA LYS A 104 6.19 -3.08 18.45
C LYS A 104 4.82 -3.57 18.91
N GLU A 105 4.31 -2.98 19.97
CA GLU A 105 3.01 -3.35 20.50
C GLU A 105 1.85 -2.93 19.60
N ILE A 106 1.92 -1.71 19.07
CA ILE A 106 0.82 -1.24 18.23
C ILE A 106 0.77 -2.01 16.91
N ARG A 107 1.92 -2.29 16.33
CA ARG A 107 1.91 -3.00 15.06
C ARG A 107 1.33 -4.41 15.28
N ARG A 108 1.72 -5.06 16.38
CA ARG A 108 1.25 -6.41 16.69
C ARG A 108 -0.24 -6.45 16.90
N PHE A 109 -0.73 -5.53 17.73
CA PHE A 109 -2.15 -5.41 17.99
C PHE A 109 -2.92 -5.21 16.70
N SER A 110 -2.45 -4.30 15.85
CA SER A 110 -3.11 -3.99 14.60
C SER A 110 -3.14 -5.20 13.65
N LEU A 111 -1.99 -5.88 13.51
CA LEU A 111 -1.92 -7.10 12.68
C LEU A 111 -3.00 -8.09 13.07
N MET A 112 -3.02 -8.47 14.32
CA MET A 112 -4.01 -9.45 14.80
C MET A 112 -5.50 -9.04 14.66
N THR A 113 -5.78 -7.75 14.90
CA THR A 113 -7.15 -7.29 14.72
C THR A 113 -7.53 -7.40 13.24
N LEU A 114 -6.58 -7.04 12.35
CA LEU A 114 -6.79 -7.12 10.91
C LEU A 114 -6.90 -8.58 10.48
N ARG A 115 -6.49 -9.49 11.37
CA ARG A 115 -6.63 -10.89 11.01
C ARG A 115 -7.78 -11.51 11.74
N ASN A 116 -8.77 -10.67 12.07
CA ASN A 116 -9.98 -11.11 12.74
C ASN A 116 -9.88 -11.54 14.19
N PHE A 117 -9.06 -10.88 14.96
CA PHE A 117 -9.02 -11.26 16.35
C PHE A 117 -9.50 -10.11 17.19
N GLY A 118 -10.56 -10.35 17.95
CA GLY A 118 -11.07 -9.38 18.91
C GLY A 118 -11.90 -8.28 18.32
N MET A 119 -12.47 -8.61 17.17
CA MET A 119 -13.25 -7.68 16.39
C MET A 119 -14.62 -8.26 16.09
N GLY A 120 -15.03 -9.29 16.81
CA GLY A 120 -16.35 -9.80 16.48
C GLY A 120 -16.20 -10.94 15.50
N LYS A 121 -17.33 -11.57 15.20
CA LYS A 121 -17.32 -12.74 14.33
C LYS A 121 -17.30 -12.43 12.84
N ARG A 122 -17.77 -11.25 12.46
CA ARG A 122 -17.82 -10.86 11.05
C ARG A 122 -16.41 -10.81 10.53
N SER A 123 -16.21 -11.36 9.34
CA SER A 123 -14.87 -11.39 8.83
C SER A 123 -14.48 -10.19 8.02
N ILE A 124 -13.17 -10.05 7.81
CA ILE A 124 -12.66 -9.02 6.98
C ILE A 124 -13.19 -9.30 5.54
N GLU A 125 -13.10 -10.55 5.07
CA GLU A 125 -13.58 -10.90 3.71
C GLU A 125 -15.04 -10.48 3.46
N ASP A 126 -15.82 -10.65 4.51
CA ASP A 126 -17.21 -10.30 4.52
C ASP A 126 -17.38 -8.85 4.16
N ARG A 127 -16.60 -8.00 4.81
CA ARG A 127 -16.64 -6.57 4.55
C ARG A 127 -16.18 -6.27 3.15
N VAL A 128 -15.14 -6.95 2.71
CA VAL A 128 -14.60 -6.69 1.36
C VAL A 128 -15.63 -7.21 0.34
N GLN A 129 -16.26 -8.34 0.61
CA GLN A 129 -17.26 -8.82 -0.35
C GLN A 129 -18.43 -7.84 -0.46
N GLU A 130 -18.81 -7.23 0.64
CA GLU A 130 -19.95 -6.30 0.57
C GLU A 130 -19.57 -5.05 -0.27
N GLU A 131 -18.38 -4.51 0.01
CA GLU A 131 -17.95 -3.35 -0.74
C GLU A 131 -17.85 -3.70 -2.20
N ALA A 132 -17.40 -4.91 -2.52
CA ALA A 132 -17.28 -5.38 -3.89
C ALA A 132 -18.66 -5.26 -4.59
N ARG A 133 -19.68 -5.78 -3.93
CA ARG A 133 -21.07 -5.72 -4.44
C ARG A 133 -21.50 -4.26 -4.66
N CYS A 134 -21.15 -3.37 -3.71
CA CYS A 134 -21.47 -1.95 -3.89
C CYS A 134 -20.66 -1.35 -5.01
N LEU A 135 -19.39 -1.75 -5.12
CA LEU A 135 -18.54 -1.17 -6.16
C LEU A 135 -19.17 -1.49 -7.52
N VAL A 136 -19.66 -2.71 -7.69
CA VAL A 136 -20.28 -3.14 -8.95
C VAL A 136 -21.56 -2.34 -9.24
N GLU A 137 -22.39 -2.16 -8.21
CA GLU A 137 -23.60 -1.37 -8.41
C GLU A 137 -23.25 0.04 -8.88
N GLU A 138 -22.26 0.65 -8.24
CA GLU A 138 -21.83 2.01 -8.59
C GLU A 138 -21.33 2.07 -10.02
N LEU A 139 -20.57 1.05 -10.42
CA LEU A 139 -20.08 1.02 -11.77
C LEU A 139 -21.28 0.88 -12.76
N ARG A 140 -22.36 0.22 -12.34
CA ARG A 140 -23.54 0.10 -13.23
C ARG A 140 -24.17 1.48 -13.41
N LYS A 141 -24.04 2.31 -12.38
CA LYS A 141 -24.60 3.65 -12.46
C LYS A 141 -23.94 4.57 -13.50
N THR A 142 -22.76 4.21 -13.98
CA THR A 142 -22.14 5.05 -15.00
C THR A 142 -22.79 4.74 -16.39
N LYS A 143 -23.74 3.82 -16.41
CA LYS A 143 -24.45 3.41 -17.63
C LYS A 143 -23.60 3.16 -18.84
N ALA A 144 -22.43 2.55 -18.63
CA ALA A 144 -21.56 2.21 -19.73
C ALA A 144 -21.12 3.40 -20.55
N SER A 145 -21.11 4.58 -19.95
CA SER A 145 -20.61 5.78 -20.66
C SER A 145 -19.13 6.01 -20.24
N PRO A 146 -18.34 6.74 -21.04
CA PRO A 146 -16.94 6.97 -20.65
C PRO A 146 -16.85 7.42 -19.21
N CYS A 147 -15.95 6.80 -18.45
CA CYS A 147 -15.77 7.07 -17.03
C CYS A 147 -14.28 7.12 -16.66
N ASP A 148 -13.92 8.07 -15.84
CA ASP A 148 -12.54 8.10 -15.31
C ASP A 148 -12.88 7.35 -13.96
N PRO A 149 -12.32 6.14 -13.76
CA PRO A 149 -12.61 5.35 -12.54
C PRO A 149 -11.87 5.80 -11.26
N THR A 150 -11.08 6.83 -11.36
CA THR A 150 -10.33 7.30 -10.21
C THR A 150 -11.13 7.40 -8.90
N PHE A 151 -12.24 8.12 -8.94
CA PHE A 151 -13.07 8.33 -7.75
C PHE A 151 -13.72 7.06 -7.18
N ILE A 152 -14.44 6.36 -8.02
CA ILE A 152 -15.08 5.12 -7.58
C ILE A 152 -14.06 4.12 -7.05
N LEU A 153 -12.90 3.96 -7.70
CA LEU A 153 -11.88 3.00 -7.19
C LEU A 153 -11.27 3.49 -5.90
N GLY A 154 -11.45 4.77 -5.62
CA GLY A 154 -10.96 5.33 -4.36
C GLY A 154 -11.95 5.01 -3.24
N CYS A 155 -13.26 5.20 -3.50
CA CYS A 155 -14.25 4.98 -2.43
C CYS A 155 -14.22 3.59 -1.84
N ALA A 156 -14.08 2.59 -2.71
CA ALA A 156 -14.09 1.19 -2.25
C ALA A 156 -13.09 0.89 -1.15
N PRO A 157 -11.75 1.05 -1.38
CA PRO A 157 -10.76 0.76 -0.32
C PRO A 157 -11.00 1.62 0.94
N CYS A 158 -11.37 2.87 0.75
CA CYS A 158 -11.64 3.76 1.90
C CYS A 158 -12.77 3.23 2.77
N ASN A 159 -13.87 2.87 2.14
CA ASN A 159 -15.01 2.29 2.82
C ASN A 159 -14.68 0.97 3.55
N VAL A 160 -13.76 0.16 3.02
CA VAL A 160 -13.43 -1.09 3.74
C VAL A 160 -12.72 -0.70 5.04
N ILE A 161 -11.84 0.28 5.00
CA ILE A 161 -11.15 0.73 6.24
C ILE A 161 -12.21 1.39 7.20
N CYS A 162 -13.15 2.18 6.67
CA CYS A 162 -14.21 2.77 7.56
C CYS A 162 -14.98 1.65 8.27
N SER A 163 -15.34 0.62 7.52
CA SER A 163 -16.10 -0.49 8.10
C SER A 163 -15.32 -1.25 9.16
N ILE A 164 -14.03 -1.46 8.89
CA ILE A 164 -13.16 -2.15 9.84
C ILE A 164 -12.91 -1.25 11.07
N ILE A 165 -12.64 0.03 10.85
CA ILE A 165 -12.39 0.91 11.98
C ILE A 165 -13.66 1.38 12.78
N PHE A 166 -14.73 1.81 12.11
CA PHE A 166 -15.93 2.29 12.85
C PHE A 166 -17.15 1.48 12.64
N HIS A 167 -17.07 0.39 11.90
CA HIS A 167 -18.25 -0.38 11.69
C HIS A 167 -19.29 0.38 10.84
N LYS A 168 -18.82 1.18 9.90
CA LYS A 168 -19.72 1.95 9.08
C LYS A 168 -19.18 2.13 7.67
N ARG A 169 -20.07 2.01 6.69
CA ARG A 169 -19.67 2.23 5.31
C ARG A 169 -20.64 3.30 4.79
N PHE A 170 -20.19 4.16 3.89
CA PHE A 170 -21.04 5.22 3.38
C PHE A 170 -21.46 5.07 1.93
N ASP A 171 -22.45 5.86 1.54
CA ASP A 171 -22.85 5.86 0.16
C ASP A 171 -21.75 6.71 -0.43
N TYR A 172 -21.41 6.51 -1.70
CA TYR A 172 -20.32 7.28 -2.29
C TYR A 172 -20.66 8.75 -2.45
N LYS A 173 -21.88 9.13 -2.06
CA LYS A 173 -22.35 10.54 -2.15
C LYS A 173 -22.52 11.20 -0.77
N ASP A 174 -22.28 10.45 0.30
CA ASP A 174 -22.41 10.98 1.65
C ASP A 174 -21.30 12.04 1.96
N GLN A 175 -21.69 13.25 2.40
CA GLN A 175 -20.72 14.32 2.64
C GLN A 175 -19.61 14.03 3.61
N GLN A 176 -19.94 13.34 4.66
CA GLN A 176 -19.00 12.94 5.70
C GLN A 176 -17.88 12.17 5.00
N PHE A 177 -18.29 11.16 4.26
CA PHE A 177 -17.38 10.30 3.50
C PHE A 177 -16.58 11.13 2.47
N LEU A 178 -17.23 12.01 1.72
CA LEU A 178 -16.52 12.84 0.75
C LEU A 178 -15.44 13.67 1.44
N ASN A 179 -15.75 14.17 2.64
CA ASN A 179 -14.80 14.98 3.43
C ASN A 179 -13.53 14.24 3.83
N LEU A 180 -13.71 13.03 4.32
CA LEU A 180 -12.58 12.23 4.71
C LEU A 180 -11.67 11.99 3.47
N MET A 181 -12.24 11.59 2.34
CA MET A 181 -11.45 11.32 1.13
C MET A 181 -10.75 12.57 0.60
N GLU A 182 -11.44 13.69 0.68
CA GLU A 182 -10.90 14.98 0.24
C GLU A 182 -9.61 15.24 1.06
N LYS A 183 -9.69 15.12 2.39
CA LYS A 183 -8.53 15.36 3.25
C LYS A 183 -7.39 14.38 2.96
N LEU A 184 -7.73 13.09 2.87
CA LEU A 184 -6.76 12.05 2.55
C LEU A 184 -6.07 12.36 1.22
N ASN A 185 -6.84 12.62 0.17
CA ASN A 185 -6.28 12.93 -1.14
C ASN A 185 -5.34 14.14 -1.08
N GLU A 186 -5.76 15.16 -0.34
CA GLU A 186 -4.92 16.35 -0.20
C GLU A 186 -3.56 16.02 0.42
N ASN A 187 -3.59 15.37 1.59
CA ASN A 187 -2.34 15.01 2.25
C ASN A 187 -1.44 14.11 1.41
N ILE A 188 -2.07 13.15 0.72
CA ILE A 188 -1.34 12.21 -0.11
C ILE A 188 -0.70 12.99 -1.28
N LYS A 189 -1.45 13.84 -1.94
CA LYS A 189 -0.87 14.63 -3.03
C LYS A 189 0.28 15.53 -2.54
N ILE A 190 0.18 15.99 -1.31
CA ILE A 190 1.23 16.84 -0.74
C ILE A 190 2.48 16.02 -0.48
N LEU A 191 2.31 14.96 0.30
CA LEU A 191 3.40 14.08 0.70
C LEU A 191 4.09 13.33 -0.44
N SER A 192 3.49 13.36 -1.62
CA SER A 192 4.06 12.61 -2.74
C SER A 192 4.37 13.51 -3.93
N SER A 193 4.57 14.80 -3.65
CA SER A 193 4.91 15.78 -4.68
C SER A 193 6.35 15.47 -5.16
N PRO A 194 6.66 15.78 -6.41
CA PRO A 194 8.01 15.50 -6.90
C PRO A 194 9.08 16.32 -6.21
N TRP A 195 10.34 16.05 -6.53
CA TRP A 195 11.49 16.77 -5.99
C TRP A 195 12.09 17.61 -7.11
N ILE A 196 13.11 18.39 -6.79
CA ILE A 196 13.81 19.26 -7.76
C ILE A 196 15.21 19.57 -7.27
N PRO A 204 18.14 17.11 -3.67
CA PRO A 204 18.40 18.40 -3.01
C PRO A 204 17.36 18.70 -1.94
N ILE A 205 16.09 18.69 -2.32
CA ILE A 205 15.03 18.96 -1.36
C ILE A 205 13.73 18.58 -2.02
N ILE A 206 12.67 18.40 -1.21
CA ILE A 206 11.35 18.04 -1.73
C ILE A 206 10.91 19.12 -2.74
N ASP A 207 9.61 19.40 -2.87
CA ASP A 207 9.24 20.43 -3.82
C ASP A 207 8.12 21.25 -3.27
N TYR A 208 7.62 20.83 -2.11
CA TYR A 208 6.52 21.54 -1.51
C TYR A 208 6.80 22.44 -0.33
N PHE A 209 6.21 23.63 -0.45
CA PHE A 209 6.30 24.70 0.53
C PHE A 209 5.22 25.78 0.36
N PRO A 210 5.00 26.29 -0.88
CA PRO A 210 3.98 27.35 -1.08
C PRO A 210 3.15 27.66 0.21
N GLY A 211 2.06 26.91 0.35
CA GLY A 211 1.17 26.96 1.49
C GLY A 211 0.77 25.50 1.61
N THR A 212 1.62 24.71 2.27
CA THR A 212 1.35 23.28 2.38
C THR A 212 1.65 22.62 3.72
N HIS A 213 2.86 22.84 4.24
CA HIS A 213 3.21 22.21 5.50
C HIS A 213 2.09 22.31 6.53
N ASN A 214 1.25 23.35 6.40
CA ASN A 214 0.16 23.53 7.33
C ASN A 214 -1.12 22.78 6.96
N LYS A 215 -1.32 22.55 5.66
CA LYS A 215 -2.53 21.84 5.21
C LYS A 215 -2.38 20.40 5.71
N LEU A 216 -1.16 19.88 5.64
CA LEU A 216 -0.89 18.53 6.10
C LEU A 216 -1.29 18.45 7.58
N LEU A 217 -0.77 19.39 8.36
CA LEU A 217 -1.04 19.44 9.80
C LEU A 217 -2.52 19.60 10.10
N LYS A 218 -3.19 20.53 9.44
CA LYS A 218 -4.62 20.74 9.68
C LYS A 218 -5.48 19.52 9.28
N ASN A 219 -5.39 19.07 8.03
CA ASN A 219 -6.17 17.91 7.59
C ASN A 219 -6.03 16.70 8.53
N VAL A 220 -4.83 16.45 9.05
CA VAL A 220 -4.61 15.35 9.99
C VAL A 220 -5.38 15.63 11.27
N ALA A 221 -5.35 16.89 11.71
CA ALA A 221 -6.08 17.29 12.91
C ALA A 221 -7.56 17.02 12.67
N PHE A 222 -8.04 17.41 11.50
CA PHE A 222 -9.43 17.17 11.17
C PHE A 222 -9.79 15.69 11.22
N MET A 223 -8.96 14.87 10.56
CA MET A 223 -9.22 13.42 10.55
C MET A 223 -9.24 12.78 11.93
N LYS A 224 -8.24 13.11 12.76
CA LYS A 224 -8.16 12.59 14.11
C LYS A 224 -9.39 13.00 14.93
N SER A 225 -9.81 14.24 14.71
CA SER A 225 -10.95 14.81 15.39
C SER A 225 -12.21 14.04 14.99
N TYR A 226 -12.32 13.72 13.70
CA TYR A 226 -13.46 12.95 13.20
C TYR A 226 -13.48 11.55 13.79
N ILE A 227 -12.30 10.95 13.91
CA ILE A 227 -12.22 9.63 14.49
C ILE A 227 -12.54 9.66 15.99
N LEU A 228 -11.98 10.64 16.69
CA LEU A 228 -12.23 10.81 18.14
C LEU A 228 -13.74 10.91 18.42
N GLU A 229 -14.47 11.55 17.52
CA GLU A 229 -15.93 11.63 17.68
C GLU A 229 -16.49 10.20 17.73
N LYS A 230 -16.05 9.38 16.77
CA LYS A 230 -16.49 7.99 16.69
C LYS A 230 -16.05 7.25 17.93
N VAL A 231 -14.84 7.52 18.39
CA VAL A 231 -14.34 6.90 19.61
C VAL A 231 -15.26 7.21 20.79
N LYS A 232 -15.65 8.49 20.89
CA LYS A 232 -16.55 8.91 21.97
C LYS A 232 -17.84 8.13 21.96
N GLU A 233 -18.44 7.92 20.79
CA GLU A 233 -19.65 7.13 20.72
C GLU A 233 -19.43 5.66 21.07
N HIS A 234 -18.30 5.09 20.65
CA HIS A 234 -18.00 3.68 20.98
C HIS A 234 -17.85 3.49 22.51
N GLN A 235 -17.27 4.48 23.20
CA GLN A 235 -17.08 4.40 24.64
C GLN A 235 -18.43 4.31 25.36
N GLU A 236 -19.47 4.88 24.77
CA GLU A 236 -20.79 4.80 25.40
C GLU A 236 -21.22 3.34 25.51
N SER A 237 -21.19 2.60 24.39
CA SER A 237 -21.63 1.22 24.44
C SER A 237 -20.54 0.18 24.56
N MET A 238 -19.38 0.54 25.07
CA MET A 238 -18.32 -0.44 25.13
C MET A 238 -18.63 -1.62 26.02
N ASP A 239 -18.55 -2.80 25.40
CA ASP A 239 -18.86 -4.08 25.98
C ASP A 239 -17.74 -5.13 25.78
N MET A 240 -17.14 -5.60 26.88
CA MET A 240 -16.05 -6.57 26.84
C MET A 240 -16.44 -7.89 26.19
N ASN A 241 -17.72 -8.09 25.89
CA ASN A 241 -18.04 -9.33 25.22
C ASN A 241 -18.60 -9.10 23.83
N ASN A 242 -18.55 -7.86 23.35
CA ASN A 242 -19.11 -7.59 22.02
C ASN A 242 -18.34 -6.60 21.12
N PRO A 243 -16.97 -6.69 21.08
CA PRO A 243 -16.30 -5.74 20.20
C PRO A 243 -16.69 -6.14 18.79
N GLN A 244 -16.88 -5.17 17.92
CA GLN A 244 -17.23 -5.47 16.52
C GLN A 244 -16.39 -4.63 15.57
N ASP A 245 -15.35 -3.96 16.07
CA ASP A 245 -14.50 -3.19 15.14
C ASP A 245 -13.19 -2.82 15.74
N PHE A 246 -12.35 -2.11 14.99
CA PHE A 246 -11.02 -1.78 15.53
C PHE A 246 -11.06 -0.90 16.78
N ILE A 247 -11.98 0.07 16.79
CA ILE A 247 -12.08 0.98 17.95
C ILE A 247 -12.48 0.19 19.19
N ASP A 248 -13.52 -0.65 19.08
CA ASP A 248 -13.89 -1.46 20.26
C ASP A 248 -12.71 -2.29 20.75
N CYS A 249 -12.06 -3.00 19.79
CA CYS A 249 -10.92 -3.86 20.13
C CYS A 249 -9.81 -3.05 20.86
N PHE A 250 -9.48 -1.84 20.36
CA PHE A 250 -8.48 -0.96 20.98
C PHE A 250 -8.93 -0.49 22.38
N LEU A 251 -10.17 -0.04 22.49
CA LEU A 251 -10.68 0.39 23.81
C LEU A 251 -10.65 -0.79 24.81
N MET A 252 -10.96 -1.98 24.34
CA MET A 252 -10.88 -3.17 25.18
C MET A 252 -9.40 -3.47 25.58
N LYS A 253 -8.43 -3.09 24.73
CA LYS A 253 -7.03 -3.30 25.05
C LYS A 253 -6.61 -2.29 26.13
N MET A 254 -7.02 -1.04 25.99
CA MET A 254 -6.69 -0.03 26.97
C MET A 254 -7.22 -0.51 28.31
N GLU A 255 -8.44 -1.02 28.28
CA GLU A 255 -9.05 -1.55 29.50
C GLU A 255 -8.14 -2.57 30.18
N LYS A 256 -7.69 -3.57 29.43
CA LYS A 256 -6.82 -4.62 29.94
C LYS A 256 -5.41 -4.10 30.25
N GLU A 257 -5.05 -2.94 29.72
CA GLU A 257 -3.74 -2.37 29.96
C GLU A 257 -3.72 -1.37 31.14
N LYS A 258 -4.87 -1.12 31.73
CA LYS A 258 -4.96 -0.22 32.86
C LYS A 258 -4.29 -1.00 34.01
N HIS A 259 -3.88 -0.29 35.06
CA HIS A 259 -3.20 -0.94 36.18
C HIS A 259 -1.80 -1.35 35.68
N ASN A 260 -1.39 -0.76 34.56
CA ASN A 260 -0.07 -1.00 34.01
C ASN A 260 0.41 0.19 33.21
N GLN A 261 0.15 1.37 33.75
CA GLN A 261 0.56 2.63 33.13
C GLN A 261 2.06 2.72 33.26
N PRO A 262 2.72 3.38 32.30
CA PRO A 262 2.14 4.01 31.10
C PRO A 262 1.99 3.05 29.93
N SER A 263 0.77 2.91 29.43
CA SER A 263 0.52 2.01 28.30
C SER A 263 0.81 2.71 26.97
N GLU A 264 1.15 1.89 25.95
CA GLU A 264 1.37 2.40 24.61
C GLU A 264 0.00 2.64 24.01
N PHE A 265 -1.03 2.06 24.61
CA PHE A 265 -2.42 2.24 24.10
C PHE A 265 -3.16 3.38 24.78
N THR A 266 -3.34 4.46 24.05
CA THR A 266 -4.02 5.64 24.54
C THR A 266 -4.93 6.16 23.46
N ILE A 267 -5.76 7.14 23.82
CA ILE A 267 -6.65 7.72 22.85
C ILE A 267 -5.85 8.41 21.74
N GLU A 268 -4.77 9.08 22.09
CA GLU A 268 -3.91 9.78 21.09
C GLU A 268 -3.35 8.73 20.13
N SER A 269 -2.96 7.59 20.69
CA SER A 269 -2.41 6.49 19.93
C SER A 269 -3.50 5.79 19.05
N LEU A 270 -4.70 5.60 19.60
CA LEU A 270 -5.80 5.01 18.82
C LEU A 270 -6.10 5.95 17.66
N GLU A 271 -6.22 7.26 17.91
CA GLU A 271 -6.54 8.07 16.77
C GLU A 271 -5.48 8.17 15.70
N ASN A 272 -4.22 8.21 16.11
CA ASN A 272 -3.12 8.24 15.13
C ASN A 272 -3.00 6.90 14.35
N THR A 273 -3.34 5.76 14.98
CA THR A 273 -3.22 4.48 14.32
C THR A 273 -4.34 4.39 13.30
N ALA A 274 -5.51 4.91 13.69
CA ALA A 274 -6.68 4.91 12.82
C ALA A 274 -6.37 5.77 11.62
N VAL A 275 -5.76 6.92 11.85
CA VAL A 275 -5.41 7.78 10.73
C VAL A 275 -4.40 7.02 9.82
N ASP A 276 -3.43 6.33 10.40
CA ASP A 276 -2.47 5.58 9.56
C ASP A 276 -3.15 4.53 8.69
N LEU A 277 -4.10 3.77 9.26
CA LEU A 277 -4.78 2.75 8.49
C LEU A 277 -5.45 3.36 7.28
N PHE A 278 -6.19 4.46 7.49
CA PHE A 278 -6.84 5.17 6.39
C PHE A 278 -5.88 5.63 5.32
N GLY A 279 -4.79 6.23 5.74
CA GLY A 279 -3.85 6.76 4.79
C GLY A 279 -3.06 5.70 4.04
N ALA A 280 -2.68 4.65 4.75
CA ALA A 280 -1.88 3.62 4.13
C ALA A 280 -2.72 2.67 3.34
N GLY A 281 -3.97 2.52 3.76
CA GLY A 281 -4.82 1.54 3.13
C GLY A 281 -5.77 1.98 2.07
N THR A 282 -5.81 3.28 1.85
CA THR A 282 -6.69 3.80 0.86
C THR A 282 -6.05 4.05 -0.46
N GLU A 283 -5.02 4.89 -0.47
CA GLU A 283 -4.40 5.26 -1.72
C GLU A 283 -3.61 4.18 -2.42
N THR A 284 -2.85 3.40 -1.65
CA THR A 284 -2.05 2.33 -2.29
C THR A 284 -3.01 1.38 -3.02
N THR A 285 -4.03 0.90 -2.32
CA THR A 285 -4.99 -0.01 -2.94
C THR A 285 -5.66 0.62 -4.14
N SER A 286 -6.12 1.86 -3.94
CA SER A 286 -6.79 2.56 -4.99
C SER A 286 -5.90 2.72 -6.25
N THR A 287 -4.67 3.15 -6.06
CA THR A 287 -3.76 3.32 -7.19
C THR A 287 -3.46 2.00 -7.91
N THR A 288 -3.34 0.91 -7.14
CA THR A 288 -3.06 -0.40 -7.75
C THR A 288 -4.28 -0.86 -8.60
N LEU A 289 -5.49 -0.64 -8.09
CA LEU A 289 -6.72 -0.97 -8.80
C LEU A 289 -6.77 -0.17 -10.09
N ARG A 290 -6.55 1.13 -9.97
CA ARG A 290 -6.58 1.95 -11.19
C ARG A 290 -5.52 1.50 -12.18
N TYR A 291 -4.32 1.24 -11.72
CA TYR A 291 -3.27 0.76 -12.61
C TYR A 291 -3.64 -0.61 -13.30
N ALA A 292 -4.23 -1.54 -12.54
CA ALA A 292 -4.65 -2.83 -13.03
C ALA A 292 -5.67 -2.66 -14.18
N LEU A 293 -6.70 -1.84 -14.00
CA LEU A 293 -7.66 -1.72 -15.09
C LEU A 293 -6.97 -1.16 -16.32
N LEU A 294 -6.04 -0.24 -16.11
CA LEU A 294 -5.35 0.34 -17.25
C LEU A 294 -4.52 -0.78 -17.95
N LEU A 295 -3.85 -1.63 -17.17
CA LEU A 295 -3.08 -2.71 -17.82
C LEU A 295 -4.07 -3.68 -18.49
N LEU A 296 -5.25 -3.86 -17.91
CA LEU A 296 -6.21 -4.76 -18.55
C LEU A 296 -6.71 -4.21 -19.92
N LEU A 297 -6.94 -2.90 -20.02
CA LEU A 297 -7.35 -2.27 -21.28
C LEU A 297 -6.24 -2.42 -22.28
N LYS A 298 -5.02 -2.21 -21.80
CA LYS A 298 -3.86 -2.30 -22.66
C LYS A 298 -3.56 -3.71 -23.20
N HIS A 299 -3.97 -4.75 -22.47
CA HIS A 299 -3.69 -6.13 -22.89
C HIS A 299 -4.98 -6.94 -22.91
N PRO A 300 -5.80 -6.72 -23.94
CA PRO A 300 -7.09 -7.42 -24.10
C PRO A 300 -6.98 -8.94 -24.09
N GLU A 301 -5.88 -9.54 -24.57
CA GLU A 301 -5.78 -11.02 -24.53
C GLU A 301 -5.68 -11.53 -23.08
N VAL A 302 -4.97 -10.79 -22.22
CA VAL A 302 -4.87 -11.13 -20.79
C VAL A 302 -6.26 -11.05 -20.14
N THR A 303 -6.94 -9.95 -20.36
CA THR A 303 -8.25 -9.77 -19.80
C THR A 303 -9.17 -10.86 -20.22
N ALA A 304 -9.11 -11.23 -21.49
CA ALA A 304 -10.02 -12.27 -21.97
C ALA A 304 -9.79 -13.56 -21.19
N LYS A 305 -8.53 -13.95 -21.00
CA LYS A 305 -8.32 -15.21 -20.25
C LYS A 305 -8.75 -15.06 -18.80
N VAL A 306 -8.62 -13.85 -18.23
CA VAL A 306 -9.07 -13.71 -16.83
C VAL A 306 -10.59 -13.92 -16.85
N GLN A 307 -11.24 -13.38 -17.89
CA GLN A 307 -12.70 -13.52 -17.92
C GLN A 307 -13.13 -14.96 -18.12
N GLU A 308 -12.34 -15.67 -18.94
CA GLU A 308 -12.64 -17.09 -19.16
C GLU A 308 -12.53 -17.82 -17.86
N GLU A 309 -11.42 -17.58 -17.14
CA GLU A 309 -11.22 -18.28 -15.90
C GLU A 309 -12.30 -17.96 -14.87
N ILE A 310 -12.70 -16.69 -14.79
CA ILE A 310 -13.74 -16.29 -13.85
C ILE A 310 -15.02 -17.04 -14.22
N GLU A 311 -15.30 -17.07 -15.50
CA GLU A 311 -16.49 -17.71 -15.98
C GLU A 311 -16.52 -19.20 -15.61
N ARG A 312 -15.41 -19.93 -15.81
CA ARG A 312 -15.50 -21.35 -15.47
C ARG A 312 -15.31 -21.75 -14.03
N VAL A 313 -14.69 -20.90 -13.22
CA VAL A 313 -14.50 -21.24 -11.81
C VAL A 313 -15.58 -20.65 -10.92
N ILE A 314 -16.05 -19.46 -11.26
CA ILE A 314 -17.05 -18.85 -10.40
C ILE A 314 -18.41 -18.63 -11.05
N GLY A 315 -18.47 -18.57 -12.37
CA GLY A 315 -19.73 -18.30 -13.02
C GLY A 315 -20.09 -16.84 -12.74
N ARG A 316 -21.28 -16.41 -13.14
CA ARG A 316 -21.63 -15.01 -12.89
C ARG A 316 -22.71 -14.76 -11.88
N ASN A 317 -23.11 -15.79 -11.15
CA ASN A 317 -24.13 -15.58 -10.12
C ASN A 317 -23.52 -15.15 -8.78
N ARG A 318 -22.94 -16.10 -8.05
CA ARG A 318 -22.33 -15.79 -6.74
C ARG A 318 -21.12 -14.86 -6.84
N SER A 319 -20.81 -14.25 -5.73
CA SER A 319 -19.70 -13.35 -5.71
C SER A 319 -18.42 -14.17 -5.57
N PRO A 320 -17.30 -13.62 -6.02
CA PRO A 320 -16.00 -14.28 -5.94
C PRO A 320 -15.66 -14.39 -4.45
N CYS A 321 -14.89 -15.39 -4.06
CA CYS A 321 -14.50 -15.42 -2.64
C CYS A 321 -13.06 -15.84 -2.65
N MET A 322 -12.34 -15.66 -1.56
CA MET A 322 -10.91 -16.00 -1.57
C MET A 322 -10.53 -17.44 -1.89
N GLN A 323 -11.45 -18.37 -1.68
CA GLN A 323 -11.17 -19.76 -1.98
C GLN A 323 -11.07 -19.98 -3.47
N ASP A 324 -11.64 -19.07 -4.24
CA ASP A 324 -11.55 -19.21 -5.67
C ASP A 324 -10.12 -19.00 -6.17
N ARG A 325 -9.33 -18.19 -5.47
CA ARG A 325 -7.97 -17.87 -5.94
C ARG A 325 -7.08 -19.07 -6.19
N SER A 326 -7.13 -20.07 -5.31
CA SER A 326 -6.29 -21.24 -5.53
C SER A 326 -6.68 -22.01 -6.81
N HIS A 327 -7.92 -21.85 -7.28
CA HIS A 327 -8.41 -22.48 -8.51
C HIS A 327 -8.31 -21.58 -9.72
N MET A 328 -7.69 -20.41 -9.57
CA MET A 328 -7.60 -19.47 -10.71
C MET A 328 -6.16 -18.98 -10.82
N PRO A 329 -5.21 -19.88 -11.22
CA PRO A 329 -3.80 -19.52 -11.35
C PRO A 329 -3.52 -18.39 -12.36
N TYR A 330 -4.22 -18.32 -13.52
CA TYR A 330 -3.94 -17.23 -14.45
C TYR A 330 -4.30 -15.88 -13.78
N THR A 331 -5.51 -15.80 -13.23
CA THR A 331 -5.93 -14.55 -12.59
C THR A 331 -4.98 -14.24 -11.41
N ASP A 332 -4.58 -15.25 -10.65
CA ASP A 332 -3.65 -14.99 -9.54
C ASP A 332 -2.31 -14.44 -10.08
N ALA A 333 -1.85 -14.94 -11.22
CA ALA A 333 -0.56 -14.48 -11.81
C ALA A 333 -0.75 -13.06 -12.32
N VAL A 334 -1.94 -12.74 -12.84
CA VAL A 334 -2.24 -11.42 -13.33
C VAL A 334 -2.21 -10.36 -12.21
N VAL A 335 -2.80 -10.68 -11.06
CA VAL A 335 -2.85 -9.74 -9.93
C VAL A 335 -1.41 -9.55 -9.45
N HIS A 336 -0.64 -10.65 -9.35
CA HIS A 336 0.76 -10.57 -8.91
C HIS A 336 1.60 -9.72 -9.90
N GLU A 337 1.39 -9.96 -11.18
CA GLU A 337 2.12 -9.28 -12.22
C GLU A 337 1.79 -7.78 -12.21
N VAL A 338 0.53 -7.42 -11.97
CA VAL A 338 0.22 -5.99 -11.89
C VAL A 338 1.10 -5.37 -10.79
N GLN A 339 1.11 -6.00 -9.58
CA GLN A 339 1.86 -5.45 -8.44
C GLN A 339 3.35 -5.44 -8.73
N ARG A 340 3.84 -6.52 -9.37
CA ARG A 340 5.25 -6.60 -9.68
C ARG A 340 5.67 -5.59 -10.76
N TYR A 341 4.89 -5.51 -11.80
CA TYR A 341 5.16 -4.61 -12.88
C TYR A 341 5.12 -3.14 -12.53
N ILE A 342 4.07 -2.71 -11.86
CA ILE A 342 3.94 -1.27 -11.58
C ILE A 342 4.90 -0.80 -10.48
N ASP A 343 5.35 -1.67 -9.57
CA ASP A 343 6.40 -1.23 -8.58
C ASP A 343 5.90 0.04 -7.91
N LEU A 344 4.77 -0.10 -7.24
CA LEU A 344 4.05 1.00 -6.62
C LEU A 344 4.88 1.91 -5.72
N LEU A 345 5.73 1.33 -4.87
CA LEU A 345 6.57 2.09 -3.95
C LEU A 345 8.01 1.62 -4.21
N PRO A 346 8.63 2.16 -5.27
CA PRO A 346 10.00 1.80 -5.69
C PRO A 346 11.02 1.72 -4.54
N THR A 347 10.91 2.59 -3.55
CA THR A 347 11.87 2.48 -2.44
C THR A 347 11.16 2.30 -1.12
N SER A 348 10.01 1.58 -1.19
CA SER A 348 9.24 1.29 0.04
C SER A 348 9.03 2.62 0.81
N LEU A 349 9.15 2.56 2.13
CA LEU A 349 9.15 3.75 2.96
C LEU A 349 10.57 3.57 3.58
N PRO A 350 11.28 4.67 3.91
CA PRO A 350 12.62 4.48 4.50
C PRO A 350 12.72 3.82 5.85
N HIS A 351 13.71 2.98 6.03
CA HIS A 351 13.92 2.28 7.29
C HIS A 351 15.07 3.01 8.03
N ALA A 352 15.45 2.44 9.17
CA ALA A 352 16.58 2.94 9.98
C ALA A 352 16.99 1.75 10.83
N VAL A 353 18.30 1.60 11.16
CA VAL A 353 18.67 0.46 12.00
C VAL A 353 18.36 0.77 13.43
N THR A 354 17.93 -0.23 14.18
CA THR A 354 17.54 -0.04 15.59
C THR A 354 18.68 0.00 16.63
N CYS A 355 19.89 -0.36 16.19
CA CYS A 355 21.09 -0.36 17.05
C CYS A 355 22.34 -0.41 16.14
N ASP A 356 23.53 -0.31 16.73
CA ASP A 356 24.78 -0.41 15.97
C ASP A 356 24.87 -1.84 15.40
N ILE A 357 25.05 -1.99 14.10
CA ILE A 357 25.10 -3.35 13.61
C ILE A 357 26.12 -3.58 12.53
N LYS A 358 26.83 -4.70 12.61
CA LYS A 358 27.80 -5.02 11.58
C LYS A 358 27.05 -5.67 10.44
N PHE A 359 27.28 -5.20 9.22
CA PHE A 359 26.55 -5.74 8.08
C PHE A 359 27.59 -5.88 6.99
N ARG A 360 27.96 -7.13 6.70
CA ARG A 360 29.01 -7.41 5.74
C ARG A 360 30.26 -6.67 6.29
N ASN A 361 31.04 -5.99 5.44
CA ASN A 361 32.22 -5.30 5.94
C ASN A 361 31.90 -3.91 6.45
N TYR A 362 30.67 -3.68 6.86
CA TYR A 362 30.35 -2.34 7.33
C TYR A 362 29.86 -2.35 8.75
N LEU A 363 29.88 -1.16 9.33
CA LEU A 363 29.42 -0.97 10.70
C LEU A 363 28.46 0.20 10.58
N ILE A 364 27.17 -0.10 10.76
CA ILE A 364 26.15 0.94 10.63
C ILE A 364 25.66 1.35 11.99
N PRO A 365 25.77 2.64 12.30
CA PRO A 365 25.31 3.05 13.63
C PRO A 365 23.83 3.18 13.79
N LYS A 366 23.39 2.95 15.02
CA LYS A 366 21.99 3.05 15.43
C LYS A 366 21.36 4.32 14.90
N GLY A 367 20.23 4.19 14.24
CA GLY A 367 19.55 5.35 13.71
C GLY A 367 19.85 5.71 12.25
N THR A 368 20.83 5.09 11.61
CA THR A 368 21.15 5.45 10.24
C THR A 368 19.99 5.04 9.36
N THR A 369 19.61 5.94 8.47
CA THR A 369 18.51 5.76 7.54
C THR A 369 18.91 4.71 6.48
N ILE A 370 18.02 3.74 6.23
CA ILE A 370 18.26 2.69 5.27
C ILE A 370 17.20 2.81 4.20
N LEU A 371 17.62 2.88 2.94
CA LEU A 371 16.66 2.98 1.84
C LEU A 371 16.69 1.64 1.07
N ILE A 372 15.53 1.01 0.92
CA ILE A 372 15.48 -0.29 0.24
C ILE A 372 15.04 -0.15 -1.19
N SER A 373 15.76 -0.76 -2.12
CA SER A 373 15.28 -0.67 -3.51
C SER A 373 14.34 -1.84 -3.81
N LEU A 374 13.03 -1.63 -3.72
CA LEU A 374 12.09 -2.75 -4.03
C LEU A 374 12.11 -2.97 -5.56
N THR A 375 12.32 -1.89 -6.32
CA THR A 375 12.43 -2.00 -7.79
C THR A 375 13.48 -3.04 -8.18
N SER A 376 14.58 -3.06 -7.44
CA SER A 376 15.72 -3.95 -7.74
C SER A 376 15.35 -5.42 -7.49
N VAL A 377 14.33 -5.64 -6.68
CA VAL A 377 13.88 -7.02 -6.41
C VAL A 377 12.72 -7.38 -7.33
N LEU A 378 11.71 -6.52 -7.40
CA LEU A 378 10.56 -6.79 -8.26
C LEU A 378 10.91 -6.89 -9.71
N HIS A 379 12.01 -6.20 -10.09
CA HIS A 379 12.41 -6.18 -11.50
C HIS A 379 13.74 -6.87 -11.76
N ASP A 380 14.05 -7.84 -10.92
CA ASP A 380 15.28 -8.61 -11.08
C ASP A 380 15.19 -9.28 -12.47
N ASN A 381 16.18 -9.06 -13.36
CA ASN A 381 16.05 -9.63 -14.70
C ASN A 381 16.42 -11.09 -14.88
N LYS A 382 16.85 -11.72 -13.79
CA LYS A 382 17.12 -13.13 -13.82
C LYS A 382 15.84 -13.85 -13.27
N GLU A 383 15.22 -13.35 -12.20
CA GLU A 383 13.99 -14.01 -11.71
C GLU A 383 12.82 -13.74 -12.67
N PHE A 384 12.79 -12.56 -13.28
CA PHE A 384 11.72 -12.11 -14.17
C PHE A 384 12.30 -11.65 -15.51
N PRO A 385 12.77 -12.61 -16.36
CA PRO A 385 13.34 -12.17 -17.67
C PRO A 385 12.39 -11.18 -18.33
N ASN A 386 12.94 -10.14 -18.95
CA ASN A 386 12.17 -9.05 -19.60
C ASN A 386 11.30 -8.42 -18.49
N PRO A 387 11.94 -7.98 -17.41
CA PRO A 387 11.25 -7.41 -16.27
C PRO A 387 10.44 -6.15 -16.53
N GLU A 388 10.81 -5.41 -17.60
CA GLU A 388 10.09 -4.18 -17.91
C GLU A 388 8.82 -4.44 -18.67
N MET A 389 8.62 -5.67 -19.10
CA MET A 389 7.39 -5.99 -19.78
C MET A 389 6.31 -6.52 -18.82
N PHE A 390 5.05 -6.21 -19.12
CA PHE A 390 3.95 -6.71 -18.31
C PHE A 390 3.66 -8.08 -18.88
N ASP A 391 3.77 -9.09 -18.03
CA ASP A 391 3.55 -10.44 -18.50
C ASP A 391 3.15 -11.41 -17.38
N PRO A 392 1.87 -11.84 -17.35
CA PRO A 392 1.43 -12.78 -16.32
C PRO A 392 2.32 -13.99 -16.13
N HIS A 393 3.03 -14.39 -17.20
CA HIS A 393 3.94 -15.56 -17.10
C HIS A 393 5.16 -15.34 -16.19
N HIS A 394 5.37 -14.11 -15.75
CA HIS A 394 6.43 -13.91 -14.73
C HIS A 394 6.01 -14.66 -13.44
N PHE A 395 4.71 -15.00 -13.36
CA PHE A 395 4.17 -15.76 -12.21
C PHE A 395 3.51 -17.08 -12.64
N LEU A 396 4.05 -17.67 -13.71
CA LEU A 396 3.60 -18.96 -14.21
C LEU A 396 4.80 -19.80 -14.55
N ASP A 397 4.77 -21.05 -14.12
CA ASP A 397 5.88 -21.91 -14.46
C ASP A 397 5.75 -22.37 -15.90
N GLU A 398 6.72 -23.17 -16.37
CA GLU A 398 6.67 -23.61 -17.74
C GLU A 398 5.50 -24.51 -18.08
N GLY A 399 4.76 -24.98 -17.09
CA GLY A 399 3.58 -25.77 -17.34
C GLY A 399 2.30 -24.98 -17.17
N GLY A 400 2.41 -23.68 -16.91
CA GLY A 400 1.18 -22.87 -16.77
C GLY A 400 0.58 -22.83 -15.38
N ASN A 401 1.29 -23.41 -14.41
CA ASN A 401 0.82 -23.36 -13.03
C ASN A 401 1.27 -22.06 -12.37
N PHE A 402 0.52 -21.62 -11.38
CA PHE A 402 0.95 -20.43 -10.65
C PHE A 402 2.34 -20.66 -10.01
N LYS A 403 3.22 -19.70 -10.22
CA LYS A 403 4.59 -19.81 -9.69
C LYS A 403 4.87 -18.63 -8.73
N LYS A 404 4.93 -18.92 -7.47
CA LYS A 404 5.17 -17.91 -6.46
C LYS A 404 6.69 -17.60 -6.50
N SER A 405 7.09 -16.48 -5.95
CA SER A 405 8.50 -16.09 -6.02
C SER A 405 8.91 -15.39 -4.75
N LYS A 406 10.12 -15.68 -4.31
CA LYS A 406 10.72 -15.01 -3.15
C LYS A 406 10.97 -13.54 -3.53
N TYR A 407 10.93 -13.20 -4.80
CA TYR A 407 11.18 -11.80 -5.21
C TYR A 407 9.92 -10.90 -5.27
N PHE A 408 8.80 -11.49 -4.91
CA PHE A 408 7.51 -10.77 -4.93
C PHE A 408 7.47 -9.98 -3.62
N MET A 409 8.00 -8.77 -3.61
CA MET A 409 8.01 -8.01 -2.37
C MET A 409 7.33 -6.65 -2.54
N PRO A 410 6.15 -6.57 -3.19
CA PRO A 410 5.57 -5.22 -3.33
C PRO A 410 5.14 -4.65 -1.98
N PHE A 411 5.00 -5.51 -0.98
CA PHE A 411 4.59 -5.05 0.33
C PHE A 411 5.81 -4.90 1.22
N SER A 412 7.00 -5.04 0.62
CA SER A 412 8.28 -4.98 1.28
C SER A 412 8.52 -6.34 1.92
N ALA A 413 9.30 -6.36 2.99
CA ALA A 413 9.70 -7.59 3.62
C ALA A 413 10.18 -7.39 5.05
N GLY A 414 10.32 -8.49 5.75
CA GLY A 414 10.75 -8.44 7.15
C GLY A 414 9.70 -7.95 8.15
N LYS A 415 10.20 -7.42 9.27
CA LYS A 415 9.36 -6.97 10.36
C LYS A 415 8.41 -5.82 10.06
N ARG A 416 8.79 -4.94 9.13
CA ARG A 416 7.94 -3.79 8.74
C ARG A 416 7.05 -4.10 7.50
N ILE A 417 7.04 -5.36 7.03
CA ILE A 417 6.15 -5.72 5.92
C ILE A 417 4.74 -5.15 6.17
N CYS A 418 4.12 -4.66 5.10
CA CYS A 418 2.82 -4.01 5.12
C CYS A 418 1.88 -4.79 6.07
N VAL A 419 1.37 -4.17 7.11
CA VAL A 419 0.48 -4.83 8.04
C VAL A 419 -0.87 -5.10 7.30
N GLY A 420 -1.06 -4.45 6.17
CA GLY A 420 -2.29 -4.64 5.42
C GLY A 420 -2.14 -5.59 4.27
N GLU A 421 -1.08 -6.39 4.29
CA GLU A 421 -0.87 -7.29 3.19
C GLU A 421 -2.07 -8.18 2.83
N ALA A 422 -2.56 -8.92 3.82
CA ALA A 422 -3.69 -9.81 3.58
C ALA A 422 -4.93 -9.03 3.08
N LEU A 423 -5.31 -7.97 3.78
CA LEU A 423 -6.42 -7.15 3.36
C LEU A 423 -6.27 -6.61 1.93
N ALA A 424 -5.09 -6.11 1.55
CA ALA A 424 -4.89 -5.59 0.23
C ALA A 424 -5.01 -6.77 -0.79
N GLY A 425 -4.45 -7.95 -0.49
CA GLY A 425 -4.59 -9.05 -1.44
C GLY A 425 -6.08 -9.37 -1.67
N MET A 426 -6.89 -9.29 -0.61
CA MET A 426 -8.32 -9.58 -0.76
C MET A 426 -9.03 -8.55 -1.61
N GLU A 427 -8.73 -7.27 -1.35
CA GLU A 427 -9.34 -6.20 -2.11
C GLU A 427 -9.01 -6.31 -3.62
N LEU A 428 -7.72 -6.46 -3.96
CA LEU A 428 -7.31 -6.56 -5.35
C LEU A 428 -8.01 -7.78 -6.01
N PHE A 429 -7.93 -8.94 -5.37
CA PHE A 429 -8.52 -10.12 -6.00
C PHE A 429 -10.05 -10.03 -6.08
N LEU A 430 -10.66 -9.73 -4.93
CA LEU A 430 -12.14 -9.65 -4.98
C LEU A 430 -12.70 -8.47 -5.80
N PHE A 431 -12.09 -7.30 -5.73
CA PHE A 431 -12.64 -6.20 -6.53
C PHE A 431 -12.37 -6.45 -8.02
N LEU A 432 -11.18 -6.88 -8.36
CA LEU A 432 -10.91 -7.08 -9.77
C LEU A 432 -11.77 -8.15 -10.37
N THR A 433 -11.94 -9.28 -9.65
CA THR A 433 -12.76 -10.33 -10.22
C THR A 433 -14.23 -9.91 -10.28
N SER A 434 -14.71 -9.18 -9.28
CA SER A 434 -16.10 -8.70 -9.28
C SER A 434 -16.35 -7.79 -10.47
N ILE A 435 -15.40 -6.91 -10.73
CA ILE A 435 -15.53 -6.04 -11.85
C ILE A 435 -15.56 -6.84 -13.16
N LEU A 436 -14.64 -7.80 -13.30
CA LEU A 436 -14.55 -8.53 -14.54
C LEU A 436 -15.66 -9.56 -14.72
N GLN A 437 -16.28 -9.95 -13.62
CA GLN A 437 -17.41 -10.89 -13.63
C GLN A 437 -18.68 -10.20 -14.15
N ASN A 438 -18.80 -8.90 -13.91
CA ASN A 438 -19.95 -8.12 -14.31
C ASN A 438 -19.85 -7.23 -15.54
N PHE A 439 -18.64 -6.83 -15.92
CA PHE A 439 -18.49 -5.95 -17.05
C PHE A 439 -17.38 -6.36 -18.01
N ASN A 440 -17.50 -5.87 -19.24
CA ASN A 440 -16.43 -6.05 -20.21
C ASN A 440 -15.87 -4.62 -20.15
N LEU A 441 -14.57 -4.48 -20.34
CA LEU A 441 -13.96 -3.16 -20.29
C LEU A 441 -13.74 -2.72 -21.72
N LYS A 442 -14.18 -1.51 -22.01
CA LYS A 442 -14.07 -0.97 -23.33
C LYS A 442 -13.26 0.31 -23.30
N SER A 443 -12.10 0.28 -23.93
CA SER A 443 -11.28 1.47 -23.94
C SER A 443 -11.67 2.38 -25.13
N LEU A 444 -11.66 3.70 -24.92
CA LEU A 444 -11.97 4.63 -25.99
C LEU A 444 -10.86 4.58 -27.04
N VAL A 445 -9.64 4.74 -26.58
CA VAL A 445 -8.54 4.72 -27.51
C VAL A 445 -8.31 3.26 -27.89
N ASP A 446 -7.66 3.08 -29.02
CA ASP A 446 -7.28 1.75 -29.50
C ASP A 446 -6.16 1.34 -28.52
N PRO A 447 -6.27 0.15 -27.91
CA PRO A 447 -5.26 -0.35 -26.97
C PRO A 447 -3.83 -0.08 -27.44
N LYS A 448 -3.60 -0.25 -28.74
CA LYS A 448 -2.28 -0.08 -29.35
C LYS A 448 -1.68 1.27 -29.17
N ASN A 449 -2.54 2.25 -28.92
CA ASN A 449 -2.15 3.64 -28.78
C ASN A 449 -2.23 4.10 -27.33
N LEU A 450 -2.90 3.29 -26.51
CA LEU A 450 -3.08 3.60 -25.11
C LEU A 450 -1.70 3.76 -24.44
N ASP A 451 -1.42 4.91 -23.85
CA ASP A 451 -0.11 5.12 -23.20
C ASP A 451 -0.17 4.72 -21.75
N THR A 452 0.69 3.82 -21.29
CA THR A 452 0.63 3.40 -19.91
C THR A 452 1.73 4.01 -19.06
N THR A 453 2.39 5.00 -19.61
CA THR A 453 3.51 5.67 -18.92
C THR A 453 3.13 6.35 -17.60
N PRO A 454 3.85 6.01 -16.50
CA PRO A 454 3.59 6.58 -15.18
C PRO A 454 3.77 8.11 -15.14
N VAL A 455 2.96 8.78 -14.33
CA VAL A 455 3.05 10.22 -14.15
C VAL A 455 4.08 10.43 -13.05
N VAL A 456 4.82 11.54 -13.10
CA VAL A 456 5.85 11.84 -12.07
C VAL A 456 5.20 12.01 -10.71
N ASN A 457 5.83 11.41 -9.71
CA ASN A 457 5.35 11.42 -8.35
C ASN A 457 6.56 11.23 -7.45
N GLY A 458 6.53 11.80 -6.25
CA GLY A 458 7.67 11.70 -5.36
C GLY A 458 7.89 10.41 -4.62
N PHE A 459 6.80 9.67 -4.34
CA PHE A 459 7.00 8.38 -3.66
C PHE A 459 6.46 7.14 -4.38
N ALA A 460 5.50 7.34 -5.28
CA ALA A 460 4.82 6.21 -5.96
C ALA A 460 4.74 6.19 -7.49
N SER A 461 4.67 4.98 -8.07
CA SER A 461 4.42 4.81 -9.52
C SER A 461 2.93 5.00 -9.67
N VAL A 462 2.55 6.08 -10.35
CA VAL A 462 1.15 6.41 -10.52
C VAL A 462 0.83 6.33 -12.03
N PRO A 463 -0.34 5.78 -12.38
CA PRO A 463 -0.71 5.66 -13.79
C PRO A 463 -1.25 6.95 -14.40
N PRO A 464 -1.20 7.06 -15.73
CA PRO A 464 -1.72 8.25 -16.41
C PRO A 464 -3.25 8.22 -16.41
N PHE A 465 -3.84 9.33 -16.84
CA PHE A 465 -5.29 9.45 -16.90
C PHE A 465 -5.88 8.65 -18.05
N TYR A 466 -7.02 8.01 -17.85
CA TYR A 466 -7.70 7.28 -18.93
C TYR A 466 -9.16 7.14 -18.57
N GLN A 467 -9.99 6.84 -19.54
CA GLN A 467 -11.38 6.63 -19.22
C GLN A 467 -11.72 5.33 -19.89
N LEU A 468 -12.84 4.73 -19.47
CA LEU A 468 -13.23 3.50 -20.10
C LEU A 468 -14.70 3.33 -19.82
N CYS A 469 -15.33 2.44 -20.57
CA CYS A 469 -16.76 2.19 -20.37
C CYS A 469 -16.92 0.83 -19.71
N PHE A 470 -17.73 0.78 -18.66
CA PHE A 470 -18.01 -0.47 -18.02
C PHE A 470 -19.29 -0.98 -18.62
N ILE A 471 -19.14 -1.90 -19.56
CA ILE A 471 -20.28 -2.48 -20.25
C ILE A 471 -20.77 -3.78 -19.64
N PRO A 472 -22.01 -3.82 -19.13
CA PRO A 472 -22.58 -5.04 -18.52
C PRO A 472 -22.16 -6.22 -19.40
N ILE A 473 -21.54 -7.23 -18.78
CA ILE A 473 -20.98 -8.33 -19.55
C ILE A 473 -21.92 -9.13 -20.48
N HIS A 474 -21.43 -9.49 -21.67
CA HIS A 474 -22.17 -10.30 -22.64
C HIS A 474 -21.20 -11.10 -23.55
N HIS A 475 -21.71 -12.11 -24.26
CA HIS A 475 -20.87 -12.94 -25.13
C HIS A 475 -21.34 -13.10 -26.58
CHA HEM B . 3.28 -0.05 4.91
CHB HEM B . 2.63 -1.52 0.42
CHC HEM B . -2.10 -1.55 1.30
CHD HEM B . -1.36 -0.39 5.79
C1A HEM B . 3.61 -0.52 3.64
C2A HEM B . 4.91 -0.54 2.99
C3A HEM B . 4.71 -0.97 1.70
C4A HEM B . 3.30 -1.18 1.58
CMA HEM B . 5.77 -1.20 0.55
CAA HEM B . 6.24 -0.18 3.63
CBA HEM B . 6.94 -1.31 4.27
CGA HEM B . 8.30 -0.95 4.84
O1A HEM B . 9.29 -1.60 4.48
O2A HEM B . 8.42 -0.03 5.61
C1B HEM B . 1.24 -1.69 0.22
C2B HEM B . 0.64 -2.02 -1.03
C3B HEM B . -0.74 -1.97 -0.79
C4B HEM B . -0.89 -1.64 0.61
CMB HEM B . 1.45 -2.31 -2.30
CAB HEM B . -1.86 -2.23 -1.67
CBB HEM B . -1.85 -2.71 -3.05
C1C HEM B . -2.34 -1.55 2.68
C2C HEM B . -3.61 -1.66 3.28
C3C HEM B . -3.43 -1.26 4.62
C4C HEM B . -2.04 -0.92 4.71
CMC HEM B . -4.91 -2.14 2.60
CAC HEM B . -4.32 -1.14 5.67
CBC HEM B . -4.53 -2.01 6.72
C1D HEM B . -0.01 -0.15 5.94
C2D HEM B . 0.57 0.29 7.14
C3D HEM B . 1.88 0.37 6.93
C4D HEM B . 2.08 -0.11 5.59
CMD HEM B . -0.18 0.71 8.43
CAD HEM B . 3.03 0.75 7.90
CBD HEM B . 3.58 -0.46 8.66
CGD HEM B . 4.78 -0.28 9.59
O1D HEM B . 5.13 -1.18 10.37
O2D HEM B . 5.43 0.78 9.51
NA HEM B . 2.65 -0.92 2.75
NB HEM B . 0.30 -1.48 1.17
NC HEM B . -1.43 -1.12 3.53
ND HEM B . 0.92 -0.41 5.03
FE HEM B . 0.63 -1.03 3.21
C FLP C . 2.37 3.60 4.04
C1 FLP C . 1.78 4.71 4.77
C2 FLP C . 1.04 5.78 4.07
C3 FLP C . 0.98 5.68 2.58
C4 FLP C . 1.57 4.58 1.88
C5 FLP C . 2.29 3.56 2.60
C6 FLP C . 0.40 6.86 4.76
C7 FLP C . -0.30 6.59 6.06
C8 FLP C . -0.95 7.66 6.77
C9 FLP C . -0.85 9.04 6.32
C10 FLP C . -0.18 9.31 5.08
C11 FLP C . 0.51 8.28 4.35
C12 FLP C . -1.55 10.23 7.08
C13 FLP C . -2.88 10.69 6.38
C14 FLP C . -0.53 11.45 7.23
O FLP C . -0.70 12.49 6.60
O1 FLP C . 0.45 11.32 8.00
F FLP C . 1.13 8.70 3.18
C1 GOL D . 2.63 7.00 -1.32
O1 GOL D . 2.97 7.67 -0.17
C2 GOL D . 1.34 7.37 -1.85
O2 GOL D . 0.41 6.85 -0.96
C3 GOL D . 1.14 6.86 -3.26
O3 GOL D . 0.01 7.41 -3.88
#